data_3PM7
#
_entry.id   3PM7
#
_cell.length_a   78.851
_cell.length_b   78.851
_cell.length_c   59.384
_cell.angle_alpha   90.000
_cell.angle_beta   90.000
_cell.angle_gamma   120.000
#
_symmetry.space_group_name_H-M   'P 65'
#
loop_
_entity.id
_entity.type
_entity.pdbx_description
1 polymer 'Uncharacterized protein'
2 non-polymer 'SULFATE ION'
3 non-polymer DI(HYDROXYETHYL)ETHER
4 water water
#
_entity_poly.entity_id   1
_entity_poly.type   'polypeptide(L)'
_entity_poly.pdbx_seq_one_letter_code
;(MSE)KEEFSYEILEEVAVLSENARGWRKELNLISWNGRPPKFDLREWAPDHEK(MSE)GKGITLTNEEFAELSKTIKS
(MSE)LEHHHHHH
;
_entity_poly.pdbx_strand_id   A,B
#
# COMPACT_ATOMS: atom_id res chain seq x y z
N LYS A 2 10.98 -18.45 6.69
CA LYS A 2 10.09 -19.34 5.96
C LYS A 2 10.47 -19.46 4.49
N GLU A 3 10.71 -20.70 4.06
CA GLU A 3 10.91 -20.98 2.65
C GLU A 3 9.54 -20.91 1.98
N GLU A 4 8.50 -20.82 2.80
CA GLU A 4 7.14 -20.70 2.28
C GLU A 4 6.94 -19.30 1.72
N PHE A 5 7.42 -18.30 2.45
CA PHE A 5 7.40 -16.94 1.94
C PHE A 5 8.21 -16.83 0.64
N SER A 6 9.36 -17.49 0.57
CA SER A 6 10.23 -17.38 -0.60
C SER A 6 9.54 -17.89 -1.86
N TYR A 7 8.69 -18.90 -1.69
CA TYR A 7 7.91 -19.42 -2.80
C TYR A 7 6.77 -18.47 -3.19
N GLU A 8 6.16 -17.83 -2.20
CA GLU A 8 5.00 -16.98 -2.43
C GLU A 8 5.39 -15.61 -3.01
N ILE A 9 6.56 -15.11 -2.62
CA ILE A 9 7.03 -13.83 -3.18
C ILE A 9 7.58 -14.06 -4.57
N LEU A 10 6.88 -13.53 -5.58
CA LEU A 10 7.27 -13.79 -6.96
C LEU A 10 8.30 -12.79 -7.42
N GLU A 11 8.14 -11.55 -6.98
CA GLU A 11 9.03 -10.48 -7.38
C GLU A 11 9.13 -9.47 -6.24
N GLU A 12 10.35 -9.10 -5.86
CA GLU A 12 10.50 -7.99 -4.92
C GLU A 12 10.60 -6.75 -5.76
N VAL A 13 9.56 -5.92 -5.71
CA VAL A 13 9.46 -4.78 -6.60
C VAL A 13 10.08 -3.48 -6.05
N ALA A 14 9.93 -3.23 -4.74
CA ALA A 14 10.45 -1.99 -4.15
C ALA A 14 10.63 -2.14 -2.64
N VAL A 15 11.68 -1.52 -2.11
CA VAL A 15 11.87 -1.40 -0.68
C VAL A 15 11.66 0.07 -0.36
N LEU A 16 10.60 0.37 0.41
CA LEU A 16 10.18 1.75 0.68
C LEU A 16 10.87 2.36 1.90
N SER A 17 11.23 1.53 2.87
CA SER A 17 11.87 2.03 4.07
C SER A 17 12.50 0.88 4.81
N GLU A 18 13.32 1.19 5.82
CA GLU A 18 13.86 0.14 6.68
C GLU A 18 14.02 0.72 8.07
N ASN A 19 13.68 -0.04 9.11
CA ASN A 19 13.83 0.52 10.45
C ASN A 19 15.03 -0.07 11.18
N ALA A 20 15.18 0.30 12.44
CA ALA A 20 16.39 0.04 13.19
C ALA A 20 16.52 -1.42 13.56
N ARG A 21 15.46 -2.17 13.30
CA ARG A 21 15.43 -3.61 13.55
C ARG A 21 15.53 -4.38 12.23
N GLY A 22 15.74 -3.65 11.14
CA GLY A 22 15.90 -4.31 9.85
C GLY A 22 14.61 -4.68 9.15
N TRP A 23 13.47 -4.34 9.73
CA TRP A 23 12.21 -4.60 9.04
C TRP A 23 12.09 -3.59 7.92
N ARG A 24 11.46 -4.00 6.81
CA ARG A 24 11.31 -3.10 5.66
C ARG A 24 9.87 -3.04 5.22
N LYS A 25 9.41 -1.87 4.79
CA LYS A 25 8.12 -1.77 4.13
C LYS A 25 8.36 -1.99 2.65
N GLU A 26 7.63 -2.94 2.05
CA GLU A 26 8.00 -3.42 0.72
C GLU A 26 6.81 -3.48 -0.22
N LEU A 27 7.03 -3.16 -1.49
CA LEU A 27 6.06 -3.53 -2.50
C LEU A 27 6.58 -4.81 -3.15
N ASN A 28 5.83 -5.90 -3.01
CA ASN A 28 6.16 -7.19 -3.66
C ASN A 28 5.00 -7.70 -4.50
N LEU A 29 5.31 -8.53 -5.50
CA LEU A 29 4.27 -9.28 -6.21
C LEU A 29 4.19 -10.67 -5.59
N ILE A 30 3.01 -11.05 -5.13
CA ILE A 30 2.89 -12.23 -4.30
C ILE A 30 1.72 -13.10 -4.71
N SER A 31 1.95 -14.42 -4.69
CA SER A 31 0.88 -15.38 -4.83
C SER A 31 0.69 -16.01 -3.46
N TRP A 32 -0.38 -15.66 -2.74
CA TRP A 32 -0.69 -16.35 -1.48
C TRP A 32 -1.27 -17.73 -1.78
N ASN A 33 -0.57 -18.78 -1.35
CA ASN A 33 -1.08 -20.15 -1.45
C ASN A 33 -1.61 -20.50 -2.84
N GLY A 34 -0.88 -20.15 -3.89
CA GLY A 34 -1.25 -20.58 -5.24
C GLY A 34 -2.37 -19.75 -5.85
N ARG A 35 -2.78 -18.69 -5.17
CA ARG A 35 -3.83 -17.82 -5.68
C ARG A 35 -3.27 -16.87 -6.76
N PRO A 36 -4.17 -16.25 -7.54
CA PRO A 36 -3.70 -15.27 -8.52
C PRO A 36 -2.79 -14.22 -7.88
N PRO A 37 -1.68 -13.88 -8.56
CA PRO A 37 -0.69 -12.95 -7.99
C PRO A 37 -1.26 -11.57 -7.81
N LYS A 38 -0.84 -10.91 -6.74
CA LYS A 38 -1.28 -9.56 -6.46
C LYS A 38 -0.13 -8.73 -5.89
N PHE A 39 -0.15 -7.42 -6.14
CA PHE A 39 0.79 -6.54 -5.48
C PHE A 39 0.42 -6.40 -4.01
N ASP A 40 1.44 -6.34 -3.15
CA ASP A 40 1.29 -6.44 -1.71
C ASP A 40 2.24 -5.42 -1.10
N LEU A 41 1.69 -4.59 -0.21
CA LEU A 41 2.46 -3.50 0.39
C LEU A 41 2.43 -3.70 1.90
N ARG A 42 3.57 -3.97 2.50
CA ARG A 42 3.55 -4.52 3.85
C ARG A 42 4.93 -4.46 4.47
N GLU A 43 4.99 -4.51 5.80
CA GLU A 43 6.27 -4.56 6.53
C GLU A 43 6.74 -6.01 6.64
N TRP A 44 8.04 -6.25 6.41
CA TRP A 44 8.61 -7.59 6.46
C TRP A 44 9.87 -7.63 7.31
N ALA A 45 10.03 -8.68 8.11
CA ALA A 45 11.25 -8.87 8.88
C ALA A 45 12.45 -9.01 7.94
N PRO A 46 13.68 -8.86 8.48
CA PRO A 46 14.93 -8.88 7.71
C PRO A 46 15.00 -9.89 6.54
N ASP A 47 14.88 -11.18 6.82
CA ASP A 47 14.97 -12.16 5.74
C ASP A 47 13.59 -12.72 5.38
N HIS A 48 12.59 -11.86 5.43
CA HIS A 48 11.21 -12.24 5.16
C HIS A 48 10.77 -13.41 6.04
N GLU A 49 11.28 -13.48 7.25
CA GLU A 49 10.98 -14.62 8.11
C GLU A 49 9.58 -14.47 8.72
N LYS A 50 9.03 -13.27 8.62
CA LYS A 50 7.77 -12.95 9.27
C LYS A 50 7.24 -11.69 8.65
N GLY A 52 4.36 -8.31 8.67
CA GLY A 52 3.61 -7.43 9.55
C GLY A 52 2.38 -7.00 8.81
N LYS A 53 1.79 -5.90 9.27
CA LYS A 53 0.53 -5.39 8.75
C LYS A 53 0.73 -4.73 7.40
N GLY A 54 -0.24 -4.90 6.52
CA GLY A 54 -0.15 -4.27 5.22
C GLY A 54 -1.42 -4.48 4.44
N ILE A 55 -1.34 -4.39 3.12
CA ILE A 55 -2.54 -4.42 2.30
C ILE A 55 -2.21 -5.06 0.94
N THR A 56 -3.14 -5.82 0.39
CA THR A 56 -2.95 -6.39 -0.93
C THR A 56 -3.71 -5.52 -1.94
N LEU A 57 -3.18 -5.37 -3.14
CA LEU A 57 -3.92 -4.66 -4.17
C LEU A 57 -4.33 -5.62 -5.29
N THR A 58 -5.63 -5.77 -5.52
CA THR A 58 -6.06 -6.50 -6.70
C THR A 58 -5.47 -5.75 -7.88
N ASN A 59 -5.50 -6.33 -9.06
CA ASN A 59 -4.87 -5.68 -10.21
C ASN A 59 -5.64 -4.44 -10.68
N GLU A 60 -6.93 -4.41 -10.37
CA GLU A 60 -7.76 -3.27 -10.70
C GLU A 60 -7.42 -2.07 -9.79
N GLU A 61 -7.16 -2.35 -8.51
CA GLU A 61 -6.74 -1.33 -7.57
C GLU A 61 -5.34 -0.82 -7.88
N PHE A 62 -4.46 -1.72 -8.29
CA PHE A 62 -3.09 -1.31 -8.56
C PHE A 62 -2.99 -0.45 -9.81
N ALA A 63 -3.89 -0.68 -10.77
CA ALA A 63 -3.89 0.13 -11.98
C ALA A 63 -4.40 1.52 -11.64
N GLU A 64 -5.46 1.59 -10.83
CA GLU A 64 -5.99 2.87 -10.33
C GLU A 64 -5.00 3.64 -9.47
N LEU A 65 -4.28 2.93 -8.61
CA LEU A 65 -3.22 3.55 -7.84
C LEU A 65 -2.19 4.12 -8.79
N SER A 66 -1.93 3.37 -9.85
CA SER A 66 -0.88 3.71 -10.80
C SER A 66 -1.27 4.88 -11.71
N LYS A 67 -2.52 4.90 -12.18
CA LYS A 67 -3.04 6.03 -12.94
C LYS A 67 -3.02 7.31 -12.09
N THR A 68 -3.29 7.15 -10.80
CA THR A 68 -3.30 8.26 -9.85
C THR A 68 -1.90 8.82 -9.64
N ILE A 69 -0.96 7.93 -9.32
CA ILE A 69 0.40 8.33 -9.05
C ILE A 69 1.04 9.02 -10.27
N LYS A 70 0.67 8.56 -11.46
CA LYS A 70 1.17 9.15 -12.71
C LYS A 70 0.65 10.57 -12.93
N SER A 71 -0.68 10.72 -12.92
CA SER A 71 -1.31 12.03 -13.13
C SER A 71 -0.94 12.98 -12.00
N LEU A 73 1.91 13.41 -10.84
CA LEU A 73 3.34 13.58 -11.01
C LEU A 73 3.56 14.34 -12.31
N GLU A 74 2.46 14.60 -13.00
CA GLU A 74 2.46 15.33 -14.28
C GLU A 74 2.86 14.41 -15.44
N SER B 6 -8.24 12.54 17.02
CA SER B 6 -7.65 11.25 16.67
C SER B 6 -7.11 11.23 15.23
N TYR B 7 -8.00 11.22 14.24
CA TYR B 7 -7.54 11.34 12.85
C TYR B 7 -8.42 12.33 12.08
N GLU B 8 -7.88 12.90 11.00
CA GLU B 8 -8.67 13.75 10.11
C GLU B 8 -8.24 13.52 8.68
N ILE B 9 -9.22 13.32 7.80
CA ILE B 9 -8.92 13.16 6.39
C ILE B 9 -8.78 14.55 5.78
N LEU B 10 -7.59 14.88 5.30
CA LEU B 10 -7.33 16.22 4.80
C LEU B 10 -7.62 16.32 3.30
N GLU B 11 -7.41 15.22 2.59
CA GLU B 11 -7.80 15.12 1.18
C GLU B 11 -8.08 13.68 0.82
N GLU B 12 -9.15 13.47 0.05
CA GLU B 12 -9.42 12.18 -0.55
C GLU B 12 -8.81 12.19 -1.94
N VAL B 13 -7.72 11.45 -2.11
CA VAL B 13 -6.93 11.55 -3.34
C VAL B 13 -7.44 10.63 -4.46
N ALA B 14 -7.80 9.39 -4.10
CA ALA B 14 -8.37 8.45 -5.06
C ALA B 14 -9.10 7.28 -4.41
N VAL B 15 -10.08 6.76 -5.13
CA VAL B 15 -10.77 5.54 -4.75
C VAL B 15 -10.26 4.45 -5.67
N LEU B 16 -9.64 3.42 -5.11
CA LEU B 16 -9.07 2.37 -5.94
C LEU B 16 -10.10 1.30 -6.29
N SER B 17 -10.96 0.97 -5.34
CA SER B 17 -11.93 -0.10 -5.53
C SER B 17 -13.22 0.17 -4.77
N GLU B 18 -14.21 -0.67 -5.04
CA GLU B 18 -15.60 -0.45 -4.66
C GLU B 18 -16.23 -1.77 -4.20
N ASN B 19 -16.87 -1.75 -3.04
CA ASN B 19 -17.56 -2.92 -2.52
C ASN B 19 -18.99 -3.01 -3.02
N ALA B 20 -19.56 -4.21 -2.98
CA ALA B 20 -21.00 -4.36 -3.16
C ALA B 20 -21.64 -3.87 -1.87
N ARG B 21 -20.93 -4.09 -0.77
CA ARG B 21 -21.41 -3.72 0.56
C ARG B 21 -21.09 -2.27 0.93
N GLY B 22 -20.57 -1.50 -0.02
CA GLY B 22 -20.38 -0.06 0.15
C GLY B 22 -18.96 0.40 0.44
N TRP B 23 -18.10 -0.53 0.83
CA TRP B 23 -16.74 -0.20 1.25
C TRP B 23 -15.82 0.11 0.08
N ARG B 24 -14.96 1.12 0.27
CA ARG B 24 -14.01 1.52 -0.76
C ARG B 24 -12.58 1.41 -0.25
N LYS B 25 -11.68 1.01 -1.13
CA LYS B 25 -10.26 1.11 -0.85
C LYS B 25 -9.80 2.46 -1.37
N GLU B 26 -9.25 3.28 -0.50
CA GLU B 26 -8.95 4.66 -0.88
C GLU B 26 -7.53 5.08 -0.54
N LEU B 27 -7.00 5.99 -1.35
CA LEU B 27 -5.76 6.67 -1.05
C LEU B 27 -6.16 8.06 -0.54
N ASN B 28 -5.81 8.36 0.70
CA ASN B 28 -6.16 9.62 1.31
C ASN B 28 -4.93 10.23 1.94
N LEU B 29 -5.01 11.52 2.23
CA LEU B 29 -4.04 12.18 3.09
C LEU B 29 -4.66 12.33 4.47
N ILE B 30 -3.97 11.83 5.48
CA ILE B 30 -4.57 11.79 6.79
C ILE B 30 -3.63 12.36 7.83
N SER B 31 -4.16 13.24 8.68
CA SER B 31 -3.41 13.72 9.83
C SER B 31 -3.83 12.91 11.06
N TRP B 32 -2.85 12.38 11.77
CA TRP B 32 -3.09 11.57 12.96
C TRP B 32 -2.73 12.41 14.17
N ASN B 33 -3.69 12.65 15.05
CA ASN B 33 -3.43 13.41 16.26
C ASN B 33 -2.83 14.77 15.95
N GLY B 34 -3.27 15.35 14.84
CA GLY B 34 -2.91 16.72 14.47
C GLY B 34 -1.48 16.91 13.99
N ARG B 35 -0.84 15.82 13.56
CA ARG B 35 0.52 15.92 13.03
C ARG B 35 0.44 16.07 11.52
N PRO B 36 1.59 16.34 10.88
CA PRO B 36 1.53 16.54 9.44
C PRO B 36 0.93 15.31 8.74
N PRO B 37 0.08 15.52 7.72
CA PRO B 37 -0.63 14.40 7.11
C PRO B 37 0.29 13.38 6.44
N LYS B 38 -0.18 12.14 6.37
CA LYS B 38 0.54 11.08 5.68
C LYS B 38 -0.41 10.42 4.68
N PHE B 39 0.13 9.95 3.58
CA PHE B 39 -0.65 9.15 2.64
C PHE B 39 -1.08 7.87 3.32
N ASP B 40 -2.26 7.39 2.97
CA ASP B 40 -2.90 6.30 3.69
C ASP B 40 -3.70 5.52 2.66
N LEU B 41 -3.48 4.20 2.64
CA LEU B 41 -4.16 3.29 1.73
C LEU B 41 -4.93 2.34 2.60
N ARG B 42 -6.26 2.34 2.47
CA ARG B 42 -7.09 1.71 3.47
C ARG B 42 -8.52 1.50 2.98
N GLU B 43 -9.20 0.54 3.60
CA GLU B 43 -10.61 0.27 3.33
C GLU B 43 -11.51 1.12 4.23
N TRP B 44 -12.49 1.76 3.62
CA TRP B 44 -13.41 2.58 4.39
C TRP B 44 -14.84 2.15 4.11
N ALA B 45 -15.66 2.13 5.15
CA ALA B 45 -17.08 1.94 5.02
C ALA B 45 -17.67 3.19 4.37
N PRO B 46 -18.92 3.13 3.91
CA PRO B 46 -19.53 4.30 3.28
C PRO B 46 -19.52 5.52 4.21
N ASP B 47 -19.29 6.70 3.66
CA ASP B 47 -19.28 7.92 4.45
C ASP B 47 -18.14 7.94 5.46
N HIS B 48 -17.22 7.01 5.32
CA HIS B 48 -16.11 6.92 6.25
C HIS B 48 -16.62 6.66 7.67
N GLU B 49 -17.88 6.23 7.74
CA GLU B 49 -18.48 5.84 9.01
C GLU B 49 -17.55 4.97 9.85
N LYS B 50 -16.81 4.07 9.20
CA LYS B 50 -15.90 3.17 9.91
C LYS B 50 -14.62 2.93 9.15
N GLY B 52 -11.39 0.63 8.19
CA GLY B 52 -11.02 -0.77 8.05
C GLY B 52 -9.51 -0.95 8.02
N LYS B 53 -9.05 -2.00 7.35
CA LYS B 53 -7.63 -2.31 7.26
C LYS B 53 -6.92 -1.49 6.19
N GLY B 54 -5.67 -1.14 6.45
CA GLY B 54 -4.91 -0.34 5.52
C GLY B 54 -3.51 -0.12 6.04
N ILE B 55 -2.78 0.79 5.41
CA ILE B 55 -1.41 1.06 5.82
C ILE B 55 -1.07 2.54 5.58
N THR B 56 -0.34 3.15 6.53
CA THR B 56 0.13 4.52 6.36
C THR B 56 1.50 4.51 5.69
N LEU B 57 1.79 5.53 4.90
CA LEU B 57 3.10 5.68 4.27
C LEU B 57 3.72 7.01 4.68
N THR B 58 4.95 6.99 5.17
CA THR B 58 5.69 8.23 5.40
C THR B 58 5.91 8.91 4.06
N ASN B 59 6.41 10.15 4.10
CA ASN B 59 6.72 10.90 2.89
C ASN B 59 7.80 10.24 2.06
N GLU B 60 8.77 9.65 2.75
CA GLU B 60 9.87 8.98 2.08
C GLU B 60 9.38 7.67 1.45
N GLU B 61 8.50 6.96 2.15
CA GLU B 61 7.96 5.73 1.60
C GLU B 61 7.13 6.03 0.38
N PHE B 62 6.31 7.07 0.43
CA PHE B 62 5.45 7.36 -0.70
C PHE B 62 6.27 7.85 -1.90
N ALA B 63 7.36 8.57 -1.63
CA ALA B 63 8.26 9.02 -2.70
C ALA B 63 8.92 7.84 -3.42
N GLU B 64 9.38 6.85 -2.65
CA GLU B 64 9.99 5.66 -3.26
C GLU B 64 8.95 4.90 -4.06
N LEU B 65 7.73 4.85 -3.55
CA LEU B 65 6.66 4.13 -4.24
C LEU B 65 6.36 4.79 -5.58
N SER B 66 6.33 6.12 -5.59
CA SER B 66 6.01 6.85 -6.81
C SER B 66 7.10 6.68 -7.86
N LYS B 67 8.36 6.67 -7.40
CA LYS B 67 9.51 6.46 -8.27
C LYS B 67 9.47 5.05 -8.84
N THR B 68 9.18 4.08 -7.99
CA THR B 68 9.11 2.70 -8.47
C THR B 68 8.03 2.65 -9.55
N ILE B 69 6.83 3.11 -9.22
CA ILE B 69 5.73 3.08 -10.18
C ILE B 69 6.08 3.88 -11.44
N LYS B 70 6.84 4.95 -11.26
CA LYS B 70 7.36 5.71 -12.38
C LYS B 70 8.11 4.80 -13.36
N SER B 71 9.10 4.07 -12.84
CA SER B 71 9.89 3.15 -13.66
C SER B 71 9.01 2.17 -14.40
N LEU B 73 6.32 2.33 -15.59
CA LEU B 73 5.76 2.95 -16.77
C LEU B 73 6.88 3.15 -17.80
N GLU B 74 7.95 3.78 -17.35
CA GLU B 74 9.22 3.85 -18.08
C GLU B 74 10.17 4.83 -17.39
N HIS B 75 9.68 6.06 -17.21
CA HIS B 75 10.44 7.12 -16.56
C HIS B 75 11.11 6.60 -15.29
#